data_9KS9
#
_entry.id   9KS9
#
_cell.length_a   51.560
_cell.length_b   91.350
_cell.length_c   69.840
_cell.angle_alpha   90.00
_cell.angle_beta   101.00
_cell.angle_gamma   90.00
#
_symmetry.space_group_name_H-M   'P 1 21 1'
#
loop_
_entity.id
_entity.type
_entity.pdbx_description
1 polymer 'Tyrosine-protein kinase Mer'
2 non-polymer ~{N}-[4-[5-(3-aminophenyl)-6-(1-methylpyrazol-4-yl)furo[2,3-d]pyrimidin-4-yl]oxyphenyl]-1-(4-fluorophenyl)-2-oxidanylidene-pyridine-3-carboxamide
3 water water
#
_entity_poly.entity_id   1
_entity_poly.type   'polypeptide(L)'
_entity_poly.pdbx_seq_one_letter_code
;EELQNKLEDVVIDRNLLILGKILGEGEFGSVMEGNLKQEDGTSLKVAVKTMKLDNSSQREIEEFLSEAACMKDFSHPNVI
RLLGVCIEMSSQGIPKPMVILPFMKYGDLHTYLLYSRLETGPKHIPLQTLLKFMVDIALGMEYLSNRNFLHRDLAARNCM
LRDDMTVCVADFGLSKKIYSGDYYRQGRIAKMPVKWIAIESLADRVYTSKSDVWAFGVTMWEIATRGMTPYPGVQNHEMY
DYLLHGHRLKQPEDCLDELYEIMYSCWRTDPLDRPTFSVLRLQLEKLLESLPDV
;
_entity_poly.pdbx_strand_id   A,B
#
loop_
_chem_comp.id
_chem_comp.type
_chem_comp.name
_chem_comp.formula
A1L6L non-polymer ~{N}-[4-[5-(3-aminophenyl)-6-(1-methylpyrazol-4-yl)furo[2,3-d]pyrimidin-4-yl]oxyphenyl]-1-(4-fluorophenyl)-2-oxidanylidene-pyridine-3-carboxamide 'C34 H24 F N7 O4'
#
# COMPACT_ATOMS: atom_id res chain seq x y z
N LYS A 6 0.12 -10.17 40.39
CA LYS A 6 0.17 -8.98 39.54
C LYS A 6 1.12 -9.20 38.37
N LEU A 7 2.41 -9.35 38.67
CA LEU A 7 3.42 -9.68 37.68
C LEU A 7 4.24 -10.89 38.06
N GLU A 8 3.97 -11.48 39.23
CA GLU A 8 4.63 -12.72 39.65
C GLU A 8 4.25 -13.86 38.71
N ASP A 9 5.26 -14.63 38.29
CA ASP A 9 5.19 -15.73 37.32
C ASP A 9 5.09 -15.24 35.88
N VAL A 10 5.28 -13.95 35.63
CA VAL A 10 5.33 -13.44 34.27
C VAL A 10 6.59 -12.60 34.10
N VAL A 11 7.24 -12.24 35.20
CA VAL A 11 8.46 -11.45 35.16
C VAL A 11 9.65 -12.38 34.95
N ILE A 12 10.55 -11.98 34.05
CA ILE A 12 11.82 -12.68 33.82
C ILE A 12 12.96 -11.75 34.20
N ASP A 13 13.93 -12.30 34.93
CA ASP A 13 15.11 -11.51 35.28
C ASP A 13 15.85 -11.05 34.03
N ARG A 14 16.25 -9.78 34.03
CA ARG A 14 16.94 -9.20 32.86
C ARG A 14 18.18 -9.99 32.47
N ASN A 15 18.83 -10.64 33.43
CA ASN A 15 20.04 -11.41 33.13
C ASN A 15 19.80 -12.45 32.03
N LEU A 16 18.59 -12.98 31.95
CA LEU A 16 18.29 -14.11 31.08
C LEU A 16 17.92 -13.70 29.67
N LEU A 17 18.08 -12.42 29.31
CA LEU A 17 17.70 -11.92 28.00
C LEU A 17 18.92 -11.37 27.27
N ILE A 18 19.04 -11.72 26.00
CA ILE A 18 20.09 -11.19 25.12
C ILE A 18 19.41 -10.64 23.88
N LEU A 19 19.54 -9.34 23.64
CA LEU A 19 18.88 -8.67 22.53
C LEU A 19 19.76 -8.70 21.29
N GLY A 20 19.12 -8.85 20.13
CA GLY A 20 19.83 -8.83 18.86
C GLY A 20 19.43 -7.70 17.93
N LYS A 21 19.32 -8.00 16.64
CA LYS A 21 19.06 -6.99 15.63
C LYS A 21 17.58 -6.59 15.62
N ILE A 22 17.27 -5.54 14.87
CA ILE A 22 15.91 -5.00 14.85
C ILE A 22 15.08 -5.79 13.86
N LEU A 23 13.89 -6.20 14.27
CA LEU A 23 12.92 -6.81 13.36
C LEU A 23 12.02 -5.75 12.71
N GLY A 24 11.62 -4.74 13.48
CA GLY A 24 10.86 -3.62 12.97
C GLY A 24 10.78 -2.50 13.99
N GLU A 25 10.71 -1.25 13.51
CA GLU A 25 10.73 -0.07 14.36
C GLU A 25 9.51 0.79 14.06
N GLY A 26 9.43 1.94 14.71
CA GLY A 26 8.34 2.86 14.47
C GLY A 26 7.76 3.48 15.72
N GLU A 27 6.43 3.60 15.76
CA GLU A 27 5.72 4.26 16.85
C GLU A 27 4.76 3.29 17.52
N PHE A 28 5.25 2.07 17.72
CA PHE A 28 4.69 1.08 18.64
C PHE A 28 5.85 0.44 19.39
N GLY A 29 6.91 1.21 19.60
CA GLY A 29 8.14 0.75 20.16
C GLY A 29 9.08 0.18 19.11
N SER A 30 9.99 -0.67 19.58
CA SER A 30 10.91 -1.41 18.74
C SER A 30 10.81 -2.89 19.09
N VAL A 31 10.71 -3.74 18.08
CA VAL A 31 10.74 -5.19 18.27
C VAL A 31 12.07 -5.70 17.73
N MET A 32 12.76 -6.51 18.53
CA MET A 32 14.05 -7.06 18.16
C MET A 32 14.09 -8.55 18.47
N GLU A 33 14.91 -9.27 17.72
CA GLU A 33 15.19 -10.66 18.02
C GLU A 33 15.97 -10.76 19.34
N GLY A 34 15.84 -11.91 20.00
CA GLY A 34 16.57 -12.10 21.25
C GLY A 34 16.66 -13.54 21.66
N ASN A 35 17.58 -13.81 22.56
CA ASN A 35 17.72 -15.10 23.21
C ASN A 35 17.18 -15.02 24.64
N LEU A 36 16.35 -15.99 25.01
CA LEU A 36 15.80 -16.08 26.36
C LEU A 36 16.29 -17.35 27.03
N LYS A 37 17.01 -17.21 28.14
CA LYS A 37 17.43 -18.37 28.91
C LYS A 37 16.22 -18.95 29.65
N GLN A 38 15.87 -20.18 29.31
CA GLN A 38 14.75 -20.86 29.93
C GLN A 38 15.21 -21.62 31.17
N GLU A 39 14.29 -21.74 32.15
CA GLU A 39 14.58 -22.56 33.33
C GLU A 39 14.91 -24.00 32.95
N ASP A 40 14.59 -24.42 31.73
CA ASP A 40 15.10 -25.66 31.18
C ASP A 40 16.63 -25.69 31.10
N GLY A 41 17.27 -24.52 31.19
CA GLY A 41 18.69 -24.40 30.93
C GLY A 41 19.05 -24.12 29.50
N THR A 42 18.13 -24.40 28.56
CA THR A 42 18.31 -24.12 27.15
C THR A 42 17.87 -22.69 26.83
N SER A 43 18.34 -22.21 25.68
CA SER A 43 18.03 -20.87 25.22
C SER A 43 17.05 -20.94 24.06
N LEU A 44 16.24 -19.89 23.92
CA LEU A 44 15.12 -19.88 23.00
C LEU A 44 15.08 -18.56 22.24
N LYS A 45 14.80 -18.64 20.94
CA LYS A 45 14.71 -17.45 20.11
C LYS A 45 13.39 -16.74 20.37
N VAL A 46 13.45 -15.43 20.62
CA VAL A 46 12.27 -14.68 21.01
C VAL A 46 12.27 -13.31 20.33
N ALA A 47 11.08 -12.70 20.30
CA ALA A 47 10.90 -11.32 19.88
C ALA A 47 10.64 -10.46 21.12
N VAL A 48 11.43 -9.42 21.29
CA VAL A 48 11.36 -8.56 22.46
C VAL A 48 10.92 -7.17 22.00
N LYS A 49 9.66 -6.81 22.33
CA LYS A 49 9.12 -5.50 21.96
C LYS A 49 9.28 -4.54 23.13
N THR A 50 10.15 -3.53 22.96
CA THR A 50 10.30 -2.42 23.88
C THR A 50 9.55 -1.22 23.32
N MET A 51 9.67 -0.07 23.99
CA MET A 51 9.13 1.18 23.44
C MET A 51 10.19 2.27 23.47
N SER A 57 5.88 9.52 28.80
CA SER A 57 5.96 8.08 29.00
C SER A 57 5.50 7.68 30.39
N GLN A 58 5.21 8.69 31.22
CA GLN A 58 4.80 8.45 32.60
C GLN A 58 3.72 7.37 32.72
N ARG A 59 2.58 7.58 32.05
CA ARG A 59 1.50 6.62 32.11
C ARG A 59 1.60 5.55 31.03
N GLU A 60 2.27 5.86 29.91
CA GLU A 60 2.48 4.85 28.86
C GLU A 60 3.25 3.65 29.40
N ILE A 61 4.04 3.84 30.45
CA ILE A 61 4.70 2.70 31.10
C ILE A 61 3.67 1.78 31.73
N GLU A 62 2.86 2.31 32.65
CA GLU A 62 1.90 1.47 33.36
C GLU A 62 0.85 0.90 32.42
N GLU A 63 0.51 1.62 31.35
CA GLU A 63 -0.39 1.08 30.34
C GLU A 63 0.28 -0.05 29.57
N PHE A 64 1.59 0.06 29.34
CA PHE A 64 2.34 -1.03 28.73
C PHE A 64 2.30 -2.28 29.59
N LEU A 65 2.61 -2.14 30.88
CA LEU A 65 2.46 -3.26 31.80
C LEU A 65 1.00 -3.67 31.95
N SER A 66 0.08 -2.73 31.78
CA SER A 66 -1.34 -3.06 31.81
C SER A 66 -1.76 -3.93 30.64
N GLU A 67 -1.04 -3.85 29.52
CA GLU A 67 -1.39 -4.67 28.36
C GLU A 67 -1.00 -6.14 28.59
N ALA A 68 0.19 -6.37 29.16
CA ALA A 68 0.53 -7.73 29.57
C ALA A 68 -0.46 -8.27 30.59
N ALA A 69 -1.05 -7.38 31.40
CA ALA A 69 -2.22 -7.72 32.19
C ALA A 69 -3.42 -7.91 31.26
N CYS A 70 -4.03 -9.09 31.33
CA CYS A 70 -5.03 -9.58 30.38
C CYS A 70 -4.38 -9.87 29.03
N MET A 71 -3.11 -10.26 29.07
CA MET A 71 -2.45 -11.12 28.12
C MET A 71 -1.67 -12.23 28.81
N LYS A 72 -1.32 -12.04 30.08
CA LYS A 72 -0.52 -12.97 30.86
C LYS A 72 -1.04 -14.40 30.83
N ASP A 73 -2.35 -14.57 30.68
CA ASP A 73 -3.05 -15.82 31.00
C ASP A 73 -3.94 -16.22 29.84
N PHE A 74 -3.40 -16.13 28.63
CA PHE A 74 -4.14 -16.39 27.40
C PHE A 74 -3.53 -17.62 26.76
N SER A 75 -4.33 -18.68 26.64
CA SER A 75 -3.83 -19.96 26.14
C SER A 75 -4.81 -20.47 25.10
N HIS A 76 -4.37 -20.47 23.86
CA HIS A 76 -5.09 -20.91 22.67
C HIS A 76 -4.05 -21.02 21.56
N PRO A 77 -4.12 -22.05 20.72
CA PRO A 77 -3.12 -22.18 19.65
C PRO A 77 -3.15 -21.04 18.65
N ASN A 78 -4.26 -20.28 18.59
CA ASN A 78 -4.41 -19.19 17.63
C ASN A 78 -4.41 -17.81 18.29
N VAL A 79 -4.01 -17.73 19.56
CA VAL A 79 -3.74 -16.46 20.21
C VAL A 79 -2.28 -16.47 20.65
N ILE A 80 -1.59 -15.35 20.43
CA ILE A 80 -0.14 -15.33 20.61
C ILE A 80 0.18 -15.53 22.09
N ARG A 81 1.13 -16.42 22.36
CA ARG A 81 1.55 -16.69 23.73
C ARG A 81 2.41 -15.56 24.26
N LEU A 82 2.32 -15.33 25.56
CA LEU A 82 3.28 -14.48 26.27
C LEU A 82 4.33 -15.36 26.91
N LEU A 83 5.60 -15.01 26.70
CA LEU A 83 6.68 -15.72 27.36
C LEU A 83 7.17 -15.01 28.62
N GLY A 84 6.88 -13.73 28.76
CA GLY A 84 7.18 -13.03 29.99
C GLY A 84 7.24 -11.53 29.76
N VAL A 85 7.52 -10.83 30.85
CA VAL A 85 7.78 -9.40 30.83
C VAL A 85 9.12 -9.16 31.52
N CYS A 86 9.78 -8.07 31.15
CA CYS A 86 11.09 -7.75 31.71
C CYS A 86 11.07 -6.33 32.25
N ILE A 87 12.01 -6.06 33.15
CA ILE A 87 12.17 -4.74 33.76
C ILE A 87 13.64 -4.37 33.62
N GLU A 88 13.92 -3.44 32.72
CA GLU A 88 15.27 -2.94 32.51
C GLU A 88 15.39 -1.56 33.13
N MET A 89 16.41 -1.36 33.96
CA MET A 89 16.60 -0.09 34.64
C MET A 89 17.52 0.80 33.80
N SER A 90 17.06 2.01 33.52
CA SER A 90 17.89 2.97 32.82
C SER A 90 19.03 3.43 33.72
N SER A 91 20.04 4.02 33.10
CA SER A 91 21.12 4.61 33.89
C SER A 91 20.57 5.65 34.86
N GLN A 92 19.53 6.38 34.45
CA GLN A 92 18.82 7.28 35.36
C GLN A 92 17.91 6.54 36.34
N GLY A 93 17.73 5.24 36.17
CA GLY A 93 16.92 4.44 37.08
C GLY A 93 15.48 4.28 36.65
N ILE A 94 15.08 4.84 35.53
CA ILE A 94 13.70 4.68 35.04
C ILE A 94 13.49 3.23 34.61
N PRO A 95 12.36 2.62 34.91
CA PRO A 95 12.05 1.31 34.31
C PRO A 95 11.88 1.43 32.80
N LYS A 96 12.28 0.37 32.11
CA LYS A 96 12.09 0.23 30.66
C LYS A 96 11.43 -1.12 30.38
N PRO A 97 10.11 -1.16 30.35
CA PRO A 97 9.43 -2.45 30.21
C PRO A 97 9.70 -3.07 28.85
N MET A 98 9.68 -4.40 28.84
CA MET A 98 9.86 -5.18 27.61
C MET A 98 8.91 -6.36 27.64
N VAL A 99 8.26 -6.62 26.52
CA VAL A 99 7.42 -7.80 26.36
C VAL A 99 8.20 -8.82 25.52
N ILE A 100 8.10 -10.09 25.90
CA ILE A 100 8.85 -11.16 25.25
C ILE A 100 7.86 -12.12 24.62
N LEU A 101 8.07 -12.43 23.35
CA LEU A 101 7.21 -13.30 22.55
C LEU A 101 8.08 -14.33 21.84
N PRO A 102 7.51 -15.47 21.47
CA PRO A 102 8.26 -16.42 20.63
C PRO A 102 8.55 -15.82 19.27
N PHE A 103 9.79 -15.98 18.81
CA PHE A 103 10.14 -15.47 17.49
C PHE A 103 9.51 -16.35 16.41
N MET A 104 9.06 -15.70 15.34
CA MET A 104 8.34 -16.36 14.26
C MET A 104 8.97 -15.95 12.94
N LYS A 105 9.73 -16.86 12.33
CA LYS A 105 10.49 -16.53 11.13
C LYS A 105 9.58 -16.10 9.98
N TYR A 106 8.33 -16.57 9.96
CA TYR A 106 7.43 -16.22 8.87
C TYR A 106 6.86 -14.81 8.99
N GLY A 107 6.98 -14.19 10.16
CA GLY A 107 6.56 -12.81 10.31
C GLY A 107 5.05 -12.63 10.28
N ASP A 108 4.64 -11.36 10.15
CA ASP A 108 3.24 -11.00 10.14
C ASP A 108 2.58 -11.42 8.83
N LEU A 109 1.25 -11.49 8.87
CA LEU A 109 0.50 -12.06 7.75
C LEU A 109 0.44 -11.11 6.55
N HIS A 110 0.31 -9.80 6.82
CA HIS A 110 0.23 -8.83 5.73
C HIS A 110 1.45 -8.93 4.83
N THR A 111 2.65 -8.78 5.39
CA THR A 111 3.88 -8.93 4.61
C THR A 111 3.95 -10.29 3.93
N TYR A 112 3.43 -11.33 4.58
CA TYR A 112 3.46 -12.66 3.99
C TYR A 112 2.50 -12.76 2.81
N LEU A 113 1.34 -12.10 2.89
CA LEU A 113 0.40 -12.10 1.79
C LEU A 113 0.99 -11.39 0.57
N LEU A 114 1.57 -10.21 0.78
CA LEU A 114 2.26 -9.50 -0.30
C LEU A 114 3.39 -10.35 -0.88
N TYR A 115 4.16 -11.00 -0.01
CA TYR A 115 5.30 -11.79 -0.48
C TYR A 115 4.88 -12.93 -1.40
N SER A 116 3.73 -13.54 -1.11
CA SER A 116 3.26 -14.67 -1.92
C SER A 116 3.06 -14.30 -3.38
N ARG A 117 2.83 -13.02 -3.66
CA ARG A 117 2.65 -12.53 -5.02
C ARG A 117 3.97 -12.29 -5.73
N LEU A 118 5.10 -12.50 -5.05
CA LEU A 118 6.42 -12.43 -5.66
C LEU A 118 6.98 -13.83 -5.84
N GLU A 119 7.89 -13.96 -6.81
CA GLU A 119 8.32 -15.27 -7.27
C GLU A 119 9.29 -15.96 -6.30
N THR A 120 10.11 -15.18 -5.58
CA THR A 120 11.08 -15.75 -4.68
C THR A 120 10.62 -15.81 -3.23
N GLY A 121 9.45 -15.27 -2.92
CA GLY A 121 8.89 -15.39 -1.59
C GLY A 121 8.27 -16.75 -1.37
N PRO A 122 7.25 -16.82 -0.51
CA PRO A 122 6.49 -18.06 -0.35
C PRO A 122 5.78 -18.45 -1.64
N LYS A 123 5.45 -19.73 -1.74
CA LYS A 123 4.72 -20.23 -2.90
C LYS A 123 3.32 -19.61 -2.95
N HIS A 124 2.75 -19.60 -4.15
CA HIS A 124 1.42 -19.06 -4.36
C HIS A 124 0.42 -19.75 -3.44
N ILE A 125 -0.30 -18.94 -2.65
CA ILE A 125 -1.23 -19.44 -1.65
C ILE A 125 -2.54 -19.84 -2.32
N PRO A 126 -2.97 -21.09 -2.20
CA PRO A 126 -4.25 -21.50 -2.78
C PRO A 126 -5.42 -21.08 -1.89
N LEU A 127 -6.63 -21.29 -2.41
CA LEU A 127 -7.83 -20.85 -1.71
C LEU A 127 -7.99 -21.56 -0.38
N GLN A 128 -7.79 -22.89 -0.37
CA GLN A 128 -7.92 -23.65 0.87
C GLN A 128 -7.03 -23.10 1.97
N THR A 129 -5.85 -22.60 1.60
CA THR A 129 -4.93 -22.06 2.61
C THR A 129 -5.37 -20.68 3.08
N LEU A 130 -5.83 -19.83 2.16
CA LEU A 130 -6.36 -18.52 2.56
C LEU A 130 -7.57 -18.67 3.48
N LEU A 131 -8.37 -19.71 3.27
CA LEU A 131 -9.52 -19.93 4.13
C LEU A 131 -9.12 -20.46 5.50
N LYS A 132 -8.10 -21.33 5.54
CA LYS A 132 -7.56 -21.76 6.82
C LYS A 132 -6.99 -20.58 7.59
N PHE A 133 -6.41 -19.61 6.89
CA PHE A 133 -5.91 -18.40 7.54
C PHE A 133 -7.02 -17.69 8.31
N MET A 134 -8.19 -17.56 7.69
CA MET A 134 -9.31 -16.91 8.37
C MET A 134 -9.86 -17.78 9.49
N VAL A 135 -9.94 -19.10 9.25
CA VAL A 135 -10.41 -20.02 10.29
C VAL A 135 -9.55 -19.90 11.54
N ASP A 136 -8.23 -19.86 11.36
CA ASP A 136 -7.32 -19.68 12.49
C ASP A 136 -7.66 -18.40 13.27
N ILE A 137 -7.82 -17.29 12.56
CA ILE A 137 -8.15 -16.03 13.22
C ILE A 137 -9.54 -16.11 13.85
N ALA A 138 -10.47 -16.82 13.20
CA ALA A 138 -11.81 -16.97 13.77
C ALA A 138 -11.78 -17.84 15.02
N LEU A 139 -10.99 -18.92 15.00
CA LEU A 139 -10.86 -19.77 16.18
C LEU A 139 -10.33 -18.99 17.38
N GLY A 140 -9.35 -18.10 17.15
CA GLY A 140 -8.74 -17.36 18.23
C GLY A 140 -9.58 -16.20 18.70
N MET A 141 -10.12 -15.41 17.78
CA MET A 141 -11.01 -14.33 18.18
C MET A 141 -12.28 -14.85 18.83
N GLU A 142 -12.72 -16.06 18.46
CA GLU A 142 -13.82 -16.69 19.18
C GLU A 142 -13.44 -16.96 20.62
N TYR A 143 -12.23 -17.53 20.83
CA TYR A 143 -11.70 -17.69 22.18
C TYR A 143 -11.71 -16.37 22.95
N LEU A 144 -11.09 -15.33 22.37
CA LEU A 144 -11.00 -14.05 23.07
C LEU A 144 -12.35 -13.42 23.29
N SER A 145 -13.34 -13.75 22.45
CA SER A 145 -14.68 -13.21 22.66
C SER A 145 -15.33 -13.85 23.88
N ASN A 146 -15.22 -15.17 24.01
CA ASN A 146 -15.68 -15.85 25.22
C ASN A 146 -15.08 -15.24 26.48
N ARG A 147 -13.79 -14.90 26.43
CA ARG A 147 -13.14 -14.22 27.55
C ARG A 147 -13.66 -12.80 27.76
N ASN A 148 -14.54 -12.31 26.87
CA ASN A 148 -15.05 -10.93 26.93
C ASN A 148 -13.91 -9.93 26.85
N PHE A 149 -12.90 -10.24 26.04
CA PHE A 149 -11.76 -9.36 25.81
C PHE A 149 -11.95 -8.65 24.46
N LEU A 150 -11.93 -7.32 24.48
CA LEU A 150 -12.03 -6.53 23.27
C LEU A 150 -10.63 -6.33 22.70
N HIS A 151 -10.40 -6.83 21.48
CA HIS A 151 -9.10 -6.65 20.84
C HIS A 151 -8.90 -5.21 20.37
N ARG A 152 -9.78 -4.73 19.50
CA ARG A 152 -9.94 -3.37 18.99
C ARG A 152 -8.90 -2.99 17.94
N ASP A 153 -7.96 -3.87 17.59
CA ASP A 153 -7.00 -3.56 16.52
C ASP A 153 -6.82 -4.76 15.59
N LEU A 154 -7.91 -5.46 15.28
CA LEU A 154 -7.80 -6.64 14.45
C LEU A 154 -7.49 -6.25 13.00
N ALA A 155 -6.43 -6.84 12.45
CA ALA A 155 -5.94 -6.51 11.12
C ALA A 155 -4.88 -7.52 10.72
N ALA A 156 -4.67 -7.65 9.41
CA ALA A 156 -3.70 -8.60 8.90
C ALA A 156 -2.28 -8.29 9.39
N ARG A 157 -1.95 -7.01 9.54
CA ARG A 157 -0.63 -6.64 10.03
C ARG A 157 -0.40 -7.10 11.46
N ASN A 158 -1.47 -7.32 12.23
CA ASN A 158 -1.38 -7.72 13.63
C ASN A 158 -1.39 -9.23 13.82
N CYS A 159 -1.55 -10.00 12.74
CA CYS A 159 -1.61 -11.46 12.84
C CYS A 159 -0.23 -12.04 12.53
N MET A 160 0.21 -12.97 13.37
CA MET A 160 1.52 -13.60 13.24
C MET A 160 1.38 -15.04 12.80
N LEU A 161 2.33 -15.49 11.98
CA LEU A 161 2.32 -16.84 11.44
C LEU A 161 3.25 -17.74 12.25
N ARG A 162 2.71 -18.85 12.74
CA ARG A 162 3.46 -19.79 13.55
C ARG A 162 4.37 -20.64 12.66
N ASP A 163 5.38 -21.26 13.29
CA ASP A 163 6.34 -22.08 12.58
C ASP A 163 5.70 -23.25 11.84
N ASP A 164 4.47 -23.63 12.22
CA ASP A 164 3.71 -24.64 11.51
C ASP A 164 2.71 -24.03 10.53
N MET A 165 2.90 -22.74 10.19
CA MET A 165 2.08 -22.02 9.22
C MET A 165 0.63 -21.87 9.67
N THR A 166 0.41 -21.81 10.98
CA THR A 166 -0.88 -21.46 11.55
C THR A 166 -0.84 -20.02 12.04
N VAL A 167 -1.91 -19.29 11.83
CA VAL A 167 -1.95 -17.89 12.21
C VAL A 167 -2.39 -17.77 13.67
N CYS A 168 -1.89 -16.75 14.35
CA CYS A 168 -2.30 -16.43 15.72
C CYS A 168 -2.49 -14.93 15.83
N VAL A 169 -3.39 -14.54 16.72
CA VAL A 169 -3.80 -13.14 16.87
C VAL A 169 -2.84 -12.43 17.82
N ALA A 170 -2.51 -11.19 17.49
CA ALA A 170 -1.60 -10.39 18.31
C ALA A 170 -1.97 -8.92 18.15
N ASP A 171 -1.18 -8.05 18.79
CA ASP A 171 -1.38 -6.60 18.68
C ASP A 171 -0.04 -5.93 18.91
N PHE A 172 0.51 -5.30 17.87
CA PHE A 172 1.75 -4.55 17.99
C PHE A 172 1.52 -3.28 18.82
N PRO A 193 -5.41 3.90 11.49
CA PRO A 193 -6.09 2.61 11.41
C PRO A 193 -7.60 2.78 11.24
N VAL A 194 -8.00 3.91 10.66
CA VAL A 194 -9.41 4.24 10.52
C VAL A 194 -10.17 3.19 9.71
N LYS A 195 -9.49 2.57 8.73
CA LYS A 195 -10.19 1.72 7.77
C LYS A 195 -10.56 0.34 8.32
N TRP A 196 -10.07 -0.01 9.50
CA TRP A 196 -10.49 -1.25 10.17
C TRP A 196 -11.52 -1.00 11.27
N ILE A 197 -11.88 0.25 11.51
CA ILE A 197 -12.76 0.62 12.62
C ILE A 197 -14.21 0.65 12.14
N ALA A 198 -15.08 -0.02 12.89
CA ALA A 198 -16.50 -0.07 12.53
C ALA A 198 -17.12 1.31 12.54
N ILE A 199 -18.19 1.47 11.76
CA ILE A 199 -18.84 2.77 11.62
C ILE A 199 -19.40 3.25 12.96
N GLU A 200 -19.96 2.34 13.76
CA GLU A 200 -20.52 2.72 15.05
C GLU A 200 -19.44 3.23 16.00
N SER A 201 -18.23 2.68 15.89
CA SER A 201 -17.11 3.15 16.70
C SER A 201 -16.48 4.42 16.14
N LEU A 202 -16.66 4.69 14.85
CA LEU A 202 -16.09 5.89 14.26
C LEU A 202 -16.77 7.16 14.78
N ALA A 203 -18.11 7.17 14.76
CA ALA A 203 -18.84 8.37 15.18
C ALA A 203 -18.82 8.53 16.70
N ASP A 204 -19.35 7.54 17.41
CA ASP A 204 -19.25 7.47 18.86
C ASP A 204 -18.09 6.54 19.22
N ARG A 205 -17.17 7.04 20.05
CA ARG A 205 -15.96 6.29 20.37
C ARG A 205 -16.29 5.19 21.38
N VAL A 206 -17.03 4.20 20.88
CA VAL A 206 -17.41 3.03 21.66
C VAL A 206 -16.72 1.81 21.07
N TYR A 207 -16.85 0.68 21.76
CA TYR A 207 -16.22 -0.56 21.30
C TYR A 207 -17.00 -1.74 21.86
N THR A 208 -17.64 -2.51 20.99
CA THR A 208 -18.28 -3.76 21.36
C THR A 208 -17.55 -4.94 20.73
N SER A 209 -17.92 -6.15 21.19
CA SER A 209 -17.46 -7.36 20.51
C SER A 209 -17.79 -7.33 19.02
N LYS A 210 -18.89 -6.67 18.66
CA LYS A 210 -19.28 -6.58 17.25
C LYS A 210 -18.37 -5.66 16.46
N SER A 211 -17.77 -4.67 17.12
CA SER A 211 -16.75 -3.86 16.47
C SER A 211 -15.55 -4.71 16.06
N ASP A 212 -15.12 -5.61 16.95
CA ASP A 212 -14.10 -6.58 16.59
C ASP A 212 -14.51 -7.39 15.36
N VAL A 213 -15.78 -7.77 15.28
CA VAL A 213 -16.24 -8.61 14.18
C VAL A 213 -16.18 -7.84 12.87
N TRP A 214 -16.45 -6.53 12.90
CA TRP A 214 -16.27 -5.71 11.71
C TRP A 214 -14.83 -5.76 11.23
N ALA A 215 -13.88 -5.56 12.13
CA ALA A 215 -12.46 -5.65 11.78
C ALA A 215 -12.13 -7.00 11.17
N PHE A 216 -12.77 -8.08 11.66
CA PHE A 216 -12.52 -9.39 11.10
C PHE A 216 -12.95 -9.46 9.64
N GLY A 217 -14.05 -8.78 9.29
CA GLY A 217 -14.46 -8.74 7.89
C GLY A 217 -13.42 -8.09 7.00
N VAL A 218 -12.76 -7.04 7.51
CA VAL A 218 -11.71 -6.38 6.76
C VAL A 218 -10.48 -7.27 6.64
N THR A 219 -10.17 -8.02 7.70
CA THR A 219 -9.03 -8.93 7.66
C THR A 219 -9.23 -10.01 6.61
N MET A 220 -10.43 -10.58 6.52
CA MET A 220 -10.71 -11.55 5.46
C MET A 220 -10.60 -10.90 4.08
N TRP A 221 -10.84 -9.60 4.00
CA TRP A 221 -10.67 -8.89 2.74
C TRP A 221 -9.19 -8.77 2.38
N GLU A 222 -8.35 -8.41 3.35
CA GLU A 222 -6.91 -8.37 3.13
C GLU A 222 -6.39 -9.72 2.67
N ILE A 223 -6.81 -10.79 3.34
CA ILE A 223 -6.35 -12.13 2.98
C ILE A 223 -6.81 -12.49 1.57
N ALA A 224 -8.10 -12.28 1.28
CA ALA A 224 -8.63 -12.67 -0.03
C ALA A 224 -8.07 -11.80 -1.14
N THR A 225 -7.68 -10.55 -0.84
CA THR A 225 -7.01 -9.71 -1.82
C THR A 225 -5.49 -9.91 -1.80
N ARG A 226 -4.96 -10.66 -0.83
CA ARG A 226 -3.54 -10.94 -0.70
C ARG A 226 -2.73 -9.66 -0.52
N GLY A 227 -3.16 -8.83 0.43
CA GLY A 227 -2.35 -7.72 0.90
C GLY A 227 -2.77 -6.35 0.42
N MET A 228 -3.98 -6.20 -0.12
CA MET A 228 -4.43 -4.91 -0.61
C MET A 228 -4.89 -4.03 0.55
N THR A 229 -4.53 -2.76 0.49
CA THR A 229 -5.05 -1.81 1.47
C THR A 229 -6.55 -1.68 1.30
N PRO A 230 -7.33 -1.74 2.38
CA PRO A 230 -8.78 -1.55 2.28
C PRO A 230 -9.16 -0.32 1.48
N TYR A 231 -10.31 -0.40 0.80
CA TYR A 231 -10.96 0.67 0.07
C TYR A 231 -10.01 1.45 -0.83
N PRO A 232 -9.48 0.86 -1.90
CA PRO A 232 -8.73 1.66 -2.87
C PRO A 232 -9.57 2.83 -3.39
N GLY A 233 -8.94 3.98 -3.52
CA GLY A 233 -9.58 5.16 -4.06
C GLY A 233 -10.10 6.13 -3.01
N VAL A 234 -10.38 5.65 -1.80
CA VAL A 234 -10.98 6.45 -0.76
C VAL A 234 -9.91 6.88 0.24
N GLN A 235 -9.91 8.15 0.60
CA GLN A 235 -8.98 8.67 1.59
C GLN A 235 -9.49 8.41 3.00
N ASN A 236 -8.59 8.56 3.97
CA ASN A 236 -8.91 8.26 5.36
C ASN A 236 -10.01 9.20 5.89
N HIS A 237 -9.92 10.49 5.56
CA HIS A 237 -10.85 11.46 6.13
C HIS A 237 -12.26 11.30 5.61
N GLU A 238 -12.45 10.62 4.48
CA GLU A 238 -13.77 10.38 3.90
C GLU A 238 -14.43 9.11 4.42
N MET A 239 -13.76 8.37 5.30
CA MET A 239 -14.19 7.01 5.62
C MET A 239 -15.57 6.99 6.27
N TYR A 240 -15.81 7.86 7.26
CA TYR A 240 -17.10 7.87 7.94
C TYR A 240 -18.23 8.16 6.96
N ASP A 241 -18.00 9.07 6.00
CA ASP A 241 -19.06 9.44 5.07
C ASP A 241 -19.27 8.37 4.00
N TYR A 242 -18.18 7.89 3.41
CA TYR A 242 -18.25 6.72 2.54
C TYR A 242 -19.05 5.59 3.18
N LEU A 243 -18.81 5.32 4.46
CA LEU A 243 -19.54 4.27 5.15
C LEU A 243 -20.96 4.70 5.49
N LEU A 244 -21.17 5.99 5.77
CA LEU A 244 -22.52 6.47 6.11
C LEU A 244 -23.44 6.48 4.91
N HIS A 245 -22.92 6.32 3.69
CA HIS A 245 -23.74 6.27 2.49
C HIS A 245 -23.97 4.84 2.03
N GLY A 246 -23.73 3.86 2.91
CA GLY A 246 -23.99 2.46 2.61
C GLY A 246 -22.94 1.77 1.75
N HIS A 247 -21.77 2.37 1.60
CA HIS A 247 -20.72 1.77 0.79
C HIS A 247 -19.86 0.85 1.63
N ARG A 248 -19.47 -0.28 1.04
CA ARG A 248 -18.70 -1.31 1.71
C ARG A 248 -17.54 -1.75 0.82
N LEU A 249 -16.63 -2.53 1.39
CA LEU A 249 -15.52 -3.06 0.61
C LEU A 249 -16.05 -3.90 -0.55
N LYS A 250 -15.36 -3.82 -1.68
CA LYS A 250 -15.82 -4.48 -2.88
C LYS A 250 -15.39 -5.95 -2.89
N GLN A 251 -16.24 -6.79 -3.47
CA GLN A 251 -15.93 -8.20 -3.64
C GLN A 251 -14.60 -8.37 -4.38
N PRO A 252 -13.58 -8.95 -3.75
CA PRO A 252 -12.33 -9.21 -4.46
C PRO A 252 -12.54 -10.09 -5.68
N GLU A 253 -11.85 -9.75 -6.77
CA GLU A 253 -11.92 -10.60 -7.95
C GLU A 253 -11.44 -12.01 -7.59
N ASP A 254 -12.21 -13.00 -8.02
CA ASP A 254 -12.02 -14.44 -7.79
C ASP A 254 -12.36 -14.84 -6.36
N CYS A 255 -12.71 -13.90 -5.49
CA CYS A 255 -13.39 -14.21 -4.24
C CYS A 255 -14.70 -14.92 -4.52
N LEU A 256 -14.90 -16.08 -3.91
CA LEU A 256 -16.05 -16.88 -4.23
C LEU A 256 -17.29 -16.29 -3.57
N ASP A 257 -18.45 -16.59 -4.17
CA ASP A 257 -19.66 -15.81 -3.94
C ASP A 257 -20.29 -16.09 -2.59
N GLU A 258 -19.71 -16.99 -1.79
CA GLU A 258 -20.19 -17.25 -0.44
C GLU A 258 -19.18 -16.85 0.63
N LEU A 259 -17.90 -16.73 0.28
CA LEU A 259 -16.95 -16.10 1.18
C LEU A 259 -17.22 -14.61 1.31
N TYR A 260 -17.77 -13.98 0.26
CA TYR A 260 -18.07 -12.56 0.34
C TYR A 260 -19.28 -12.28 1.24
N GLU A 261 -20.27 -13.18 1.25
CA GLU A 261 -21.40 -13.00 2.14
C GLU A 261 -20.98 -13.09 3.60
N ILE A 262 -20.11 -14.06 3.92
CA ILE A 262 -19.60 -14.20 5.27
C ILE A 262 -18.88 -12.92 5.70
N MET A 263 -18.08 -12.36 4.79
CA MET A 263 -17.34 -11.13 5.11
C MET A 263 -18.26 -9.91 5.06
N TYR A 264 -19.17 -9.84 4.08
CA TYR A 264 -20.14 -8.75 4.05
C TYR A 264 -21.04 -8.75 5.27
N SER A 265 -21.29 -9.93 5.86
CA SER A 265 -22.10 -10.02 7.06
C SER A 265 -21.44 -9.32 8.25
N CYS A 266 -20.12 -9.16 8.23
CA CYS A 266 -19.43 -8.45 9.29
C CYS A 266 -19.57 -6.94 9.20
N TRP A 267 -20.20 -6.42 8.14
CA TRP A 267 -20.28 -4.99 7.91
C TRP A 267 -21.71 -4.46 7.93
N ARG A 268 -22.65 -5.22 8.51
CA ARG A 268 -23.99 -4.69 8.70
C ARG A 268 -23.93 -3.44 9.58
N THR A 269 -24.91 -2.55 9.40
CA THR A 269 -24.85 -1.26 10.09
C THR A 269 -25.14 -1.42 11.58
N ASP A 270 -26.20 -2.15 11.91
CA ASP A 270 -26.49 -2.46 13.30
C ASP A 270 -25.47 -3.46 13.83
N PRO A 271 -24.71 -3.13 14.88
CA PRO A 271 -23.81 -4.13 15.48
C PRO A 271 -24.54 -5.41 15.88
N LEU A 272 -25.73 -5.29 16.46
CA LEU A 272 -26.49 -6.46 16.91
C LEU A 272 -26.82 -7.42 15.78
N ASP A 273 -26.85 -6.94 14.54
CA ASP A 273 -27.20 -7.77 13.39
C ASP A 273 -26.00 -8.50 12.80
N ARG A 274 -24.80 -8.27 13.33
CA ARG A 274 -23.62 -8.97 12.84
C ARG A 274 -23.49 -10.34 13.49
N PRO A 275 -22.90 -11.31 12.80
CA PRO A 275 -22.72 -12.64 13.40
C PRO A 275 -21.62 -12.63 14.46
N THR A 276 -21.72 -13.61 15.36
CA THR A 276 -20.70 -13.80 16.38
C THR A 276 -19.48 -14.50 15.80
N PHE A 277 -18.36 -14.39 16.52
CA PHE A 277 -17.11 -15.02 16.07
C PHE A 277 -17.26 -16.53 15.98
N SER A 278 -18.12 -17.13 16.80
CA SER A 278 -18.33 -18.57 16.74
C SER A 278 -19.20 -18.98 15.56
N VAL A 279 -20.15 -18.12 15.16
CA VAL A 279 -20.95 -18.39 13.97
C VAL A 279 -20.08 -18.27 12.72
N LEU A 280 -19.23 -17.24 12.66
CA LEU A 280 -18.36 -17.05 11.51
C LEU A 280 -17.42 -18.24 11.34
N ARG A 281 -16.79 -18.69 12.42
CA ARG A 281 -15.82 -19.77 12.35
C ARG A 281 -16.42 -21.01 11.69
N LEU A 282 -17.63 -21.40 12.12
CA LEU A 282 -18.30 -22.54 11.47
C LEU A 282 -18.60 -22.23 10.01
N GLN A 283 -19.04 -21.00 9.72
CA GLN A 283 -19.32 -20.62 8.34
C GLN A 283 -18.09 -20.80 7.46
N LEU A 284 -16.90 -20.51 8.01
CA LEU A 284 -15.66 -20.70 7.27
C LEU A 284 -15.23 -22.17 7.26
N GLU A 285 -15.41 -22.87 8.38
CA GLU A 285 -14.99 -24.26 8.47
C GLU A 285 -15.74 -25.13 7.49
N LYS A 286 -17.06 -25.02 7.45
CA LYS A 286 -17.84 -25.84 6.53
C LYS A 286 -17.73 -25.35 5.09
N LEU A 287 -17.40 -24.07 4.89
CA LEU A 287 -17.06 -23.61 3.54
C LEU A 287 -15.73 -24.21 3.09
N LEU A 288 -14.75 -24.26 3.99
CA LEU A 288 -13.44 -24.82 3.65
C LEU A 288 -13.58 -26.27 3.18
N GLU A 289 -14.29 -27.09 3.95
CA GLU A 289 -14.51 -28.48 3.54
C GLU A 289 -15.78 -28.62 2.71
N SER A 290 -15.88 -27.84 1.65
CA SER A 290 -16.82 -28.08 0.57
C SER A 290 -16.04 -28.14 -0.74
N LEU A 291 -14.95 -27.38 -0.79
CA LEU A 291 -14.03 -27.32 -1.92
C LEU A 291 -13.13 -28.55 -1.92
N PRO A 292 -12.66 -28.99 -3.10
CA PRO A 292 -11.73 -30.11 -3.20
C PRO A 292 -10.37 -29.81 -2.58
N LEU B 7 6.04 33.02 -19.62
CA LEU B 7 5.68 33.98 -20.66
C LEU B 7 4.18 33.92 -20.97
N GLU B 8 3.72 34.84 -21.81
CA GLU B 8 2.33 34.87 -22.24
C GLU B 8 2.16 34.04 -23.51
N ASP B 9 0.98 34.13 -24.11
CA ASP B 9 0.55 33.46 -25.34
C ASP B 9 0.21 31.99 -25.08
N VAL B 10 0.36 31.51 -23.84
CA VAL B 10 -0.17 30.23 -23.40
C VAL B 10 -1.16 30.39 -22.27
N VAL B 11 -1.40 31.62 -21.82
CA VAL B 11 -2.35 31.88 -20.75
C VAL B 11 -3.76 31.94 -21.33
N ILE B 12 -4.75 31.73 -20.46
CA ILE B 12 -6.15 31.77 -20.85
C ILE B 12 -6.85 32.71 -19.88
N ASP B 13 -7.94 33.31 -20.33
CA ASP B 13 -8.65 34.28 -19.50
C ASP B 13 -9.50 33.54 -18.49
N ARG B 14 -9.42 33.97 -17.23
CA ARG B 14 -10.14 33.31 -16.15
C ARG B 14 -11.65 33.35 -16.38
N ASN B 15 -12.13 34.26 -17.22
CA ASN B 15 -13.55 34.29 -17.57
C ASN B 15 -14.01 32.98 -18.19
N LEU B 16 -13.19 32.40 -19.07
CA LEU B 16 -13.59 31.19 -19.79
C LEU B 16 -13.45 29.93 -18.96
N LEU B 17 -13.21 30.04 -17.66
CA LEU B 17 -13.06 28.89 -16.79
C LEU B 17 -14.07 28.95 -15.64
N ILE B 18 -14.65 27.79 -15.32
CA ILE B 18 -15.61 27.65 -14.24
C ILE B 18 -15.16 26.49 -13.36
N LEU B 19 -14.91 26.77 -12.07
CA LEU B 19 -14.35 25.76 -11.17
C LEU B 19 -15.46 24.97 -10.48
N GLY B 20 -15.25 23.67 -10.37
CA GLY B 20 -16.21 22.80 -9.70
C GLY B 20 -15.72 22.21 -8.40
N LYS B 21 -15.92 20.91 -8.22
CA LYS B 21 -15.56 20.20 -7.00
C LYS B 21 -14.10 19.77 -7.03
N ILE B 22 -13.57 19.49 -5.84
CA ILE B 22 -12.20 19.01 -5.69
C ILE B 22 -12.14 17.52 -6.03
N LEU B 23 -11.12 17.13 -6.79
CA LEU B 23 -10.84 15.72 -7.03
C LEU B 23 -9.67 15.21 -6.21
N GLY B 24 -8.74 16.09 -5.84
CA GLY B 24 -7.60 15.72 -5.02
C GLY B 24 -6.95 16.98 -4.49
N GLU B 25 -6.07 16.79 -3.51
CA GLU B 25 -5.47 17.93 -2.83
C GLU B 25 -4.17 17.51 -2.16
N GLY B 26 -3.19 18.41 -2.19
CA GLY B 26 -1.92 18.20 -1.51
C GLY B 26 -1.75 19.15 -0.36
N GLU B 27 -0.87 20.14 -0.52
CA GLU B 27 -0.64 21.15 0.50
C GLU B 27 -0.14 22.45 -0.12
N SER B 30 -3.88 21.18 -4.99
CA SER B 30 -5.29 20.91 -5.17
C SER B 30 -5.64 20.74 -6.64
N VAL B 31 -6.44 19.74 -6.97
CA VAL B 31 -6.92 19.51 -8.32
C VAL B 31 -8.45 19.60 -8.29
N MET B 32 -9.01 20.47 -9.12
CA MET B 32 -10.45 20.67 -9.20
C MET B 32 -10.94 20.39 -10.61
N GLU B 33 -12.13 19.79 -10.70
CA GLU B 33 -12.83 19.70 -11.97
C GLU B 33 -13.27 21.10 -12.42
N GLY B 34 -13.59 21.21 -13.69
CA GLY B 34 -14.15 22.46 -14.17
C GLY B 34 -14.53 22.38 -15.63
N ASN B 35 -15.04 23.50 -16.13
CA ASN B 35 -15.39 23.67 -17.54
C ASN B 35 -14.52 24.76 -18.14
N LEU B 36 -14.05 24.53 -19.37
CA LEU B 36 -13.27 25.51 -20.11
C LEU B 36 -14.01 25.88 -21.39
N LYS B 37 -14.18 27.17 -21.62
CA LYS B 37 -14.74 27.67 -22.87
C LYS B 37 -13.63 27.79 -23.90
N GLN B 38 -13.83 27.17 -25.06
CA GLN B 38 -12.80 27.07 -26.08
C GLN B 38 -13.08 28.04 -27.23
N GLU B 39 -12.12 28.13 -28.14
CA GLU B 39 -12.24 29.03 -29.29
C GLU B 39 -13.44 28.67 -30.16
N ASP B 40 -13.76 27.39 -30.29
CA ASP B 40 -14.82 26.94 -31.17
C ASP B 40 -16.21 27.03 -30.54
N GLY B 41 -16.35 27.73 -29.40
CA GLY B 41 -17.63 27.91 -28.77
C GLY B 41 -18.05 26.82 -27.82
N THR B 42 -17.45 25.64 -27.91
CA THR B 42 -17.82 24.51 -27.07
C THR B 42 -17.12 24.61 -25.71
N SER B 43 -17.64 23.85 -24.75
CA SER B 43 -17.10 23.80 -23.40
C SER B 43 -16.56 22.40 -23.13
N LEU B 44 -15.37 22.34 -22.55
CA LEU B 44 -14.65 21.09 -22.35
C LEU B 44 -14.42 20.84 -20.87
N LYS B 45 -14.64 19.60 -20.44
CA LYS B 45 -14.33 19.22 -19.08
C LYS B 45 -12.81 19.27 -18.86
N VAL B 46 -12.39 19.93 -17.78
CA VAL B 46 -10.97 20.09 -17.50
C VAL B 46 -10.69 19.80 -16.04
N ALA B 47 -9.44 19.40 -15.77
CA ALA B 47 -8.86 19.41 -14.43
C ALA B 47 -8.08 20.70 -14.25
N VAL B 48 -8.15 21.27 -13.06
CA VAL B 48 -7.51 22.55 -12.76
C VAL B 48 -6.65 22.35 -11.53
N LYS B 49 -5.34 22.22 -11.72
CA LYS B 49 -4.39 22.10 -10.62
C LYS B 49 -3.91 23.49 -10.21
N THR B 50 -4.03 23.79 -8.92
CA THR B 50 -3.68 25.11 -8.38
C THR B 50 -2.44 24.95 -7.52
N MET B 51 -1.32 25.48 -8.00
CA MET B 51 -0.06 25.41 -7.27
C MET B 51 -0.02 26.47 -6.16
N ASP B 54 3.36 27.62 -4.84
CA ASP B 54 4.71 28.12 -5.07
C ASP B 54 5.19 28.98 -3.90
N ASN B 55 6.38 29.56 -4.06
CA ASN B 55 6.99 30.42 -3.06
C ASN B 55 7.03 31.84 -3.61
N SER B 56 6.47 32.79 -2.87
CA SER B 56 6.33 34.16 -3.37
C SER B 56 7.27 35.18 -2.74
N SER B 57 7.97 34.84 -1.65
CA SER B 57 9.04 35.72 -1.17
C SER B 57 9.98 36.10 -2.31
N GLN B 58 10.33 35.12 -3.13
CA GLN B 58 10.86 35.31 -4.47
C GLN B 58 10.16 34.28 -5.34
N ARG B 59 9.89 34.63 -6.59
CA ARG B 59 8.92 33.87 -7.37
C ARG B 59 9.57 33.46 -8.69
N GLU B 60 9.93 32.18 -8.77
CA GLU B 60 10.42 31.56 -9.98
C GLU B 60 9.30 31.09 -10.89
N ILE B 61 8.08 31.56 -10.67
CA ILE B 61 7.02 31.35 -11.67
C ILE B 61 7.49 31.79 -13.04
N GLU B 62 8.34 32.83 -13.10
CA GLU B 62 9.07 33.15 -14.33
C GLU B 62 9.75 31.92 -14.91
N GLU B 63 10.32 31.07 -14.05
CA GLU B 63 10.91 29.81 -14.47
C GLU B 63 9.91 28.66 -14.48
N PHE B 64 8.70 28.87 -13.95
CA PHE B 64 7.67 27.85 -14.01
C PHE B 64 6.78 28.02 -15.23
N LEU B 65 6.45 29.27 -15.58
CA LEU B 65 5.84 29.52 -16.88
C LEU B 65 6.64 28.89 -18.01
N SER B 66 7.96 28.77 -17.82
CA SER B 66 8.79 28.04 -18.77
C SER B 66 8.34 26.59 -18.89
N GLU B 67 8.29 25.88 -17.76
CA GLU B 67 7.70 24.55 -17.69
C GLU B 67 6.37 24.51 -18.43
N ALA B 68 5.44 25.38 -18.02
CA ALA B 68 4.15 25.44 -18.67
C ALA B 68 4.25 25.84 -20.14
N ALA B 69 5.25 26.64 -20.50
CA ALA B 69 5.46 26.99 -21.90
C ALA B 69 6.11 25.85 -22.66
N CYS B 70 7.28 25.41 -22.19
CA CYS B 70 8.00 24.32 -22.84
C CYS B 70 7.14 23.07 -23.00
N MET B 71 6.27 22.80 -22.03
CA MET B 71 5.43 21.60 -22.10
C MET B 71 4.17 21.82 -22.92
N LYS B 72 3.59 23.03 -22.91
CA LYS B 72 2.33 23.25 -23.62
C LYS B 72 2.47 23.30 -25.13
N ASP B 73 3.66 23.11 -25.68
CA ASP B 73 3.81 22.98 -27.13
C ASP B 73 4.42 21.65 -27.55
N PHE B 74 4.73 20.77 -26.61
CA PHE B 74 4.91 19.36 -26.91
C PHE B 74 3.61 18.73 -27.39
N SER B 75 3.74 17.68 -28.19
CA SER B 75 2.58 17.04 -28.80
C SER B 75 2.90 15.56 -29.01
N HIS B 76 2.19 14.69 -28.29
CA HIS B 76 2.36 13.25 -28.42
C HIS B 76 1.18 12.58 -27.75
N PRO B 77 0.58 11.55 -28.35
CA PRO B 77 -0.58 10.91 -27.73
C PRO B 77 -0.33 10.36 -26.33
N ASN B 78 0.92 10.04 -26.00
CA ASN B 78 1.25 9.46 -24.69
C ASN B 78 1.87 10.48 -23.74
N VAL B 79 1.64 11.77 -23.96
CA VAL B 79 2.01 12.82 -23.04
C VAL B 79 0.78 13.69 -22.80
N ILE B 80 0.54 14.06 -21.55
CA ILE B 80 -0.68 14.77 -21.21
C ILE B 80 -0.70 16.13 -21.89
N ARG B 81 -1.86 16.51 -22.40
CA ARG B 81 -2.05 17.83 -22.99
C ARG B 81 -2.19 18.88 -21.90
N LEU B 82 -1.56 20.03 -22.09
CA LEU B 82 -1.76 21.19 -21.23
C LEU B 82 -2.49 22.23 -22.05
N LEU B 83 -3.75 22.49 -21.70
CA LEU B 83 -4.56 23.41 -22.47
C LEU B 83 -4.21 24.87 -22.22
N GLY B 84 -3.40 25.16 -21.20
CA GLY B 84 -2.94 26.50 -20.94
C GLY B 84 -2.82 26.74 -19.45
N VAL B 85 -2.53 28.00 -19.10
CA VAL B 85 -2.45 28.44 -17.72
C VAL B 85 -3.47 29.54 -17.50
N CYS B 86 -3.97 29.64 -16.27
CA CYS B 86 -4.86 30.73 -15.86
C CYS B 86 -4.22 31.49 -14.71
N ILE B 87 -4.22 32.81 -14.81
CA ILE B 87 -3.61 33.68 -13.81
C ILE B 87 -4.72 34.35 -13.01
N GLU B 88 -4.70 34.16 -11.69
CA GLU B 88 -5.63 34.81 -10.79
C GLU B 88 -4.83 35.59 -9.76
N MET B 89 -5.20 36.85 -9.55
CA MET B 89 -4.49 37.71 -8.61
C MET B 89 -5.20 37.77 -7.27
N PRO B 95 -1.30 36.47 -5.98
CA PRO B 95 -1.52 35.81 -7.27
C PRO B 95 -1.27 34.31 -7.22
N LYS B 96 -2.19 33.51 -7.76
CA LYS B 96 -2.07 32.06 -7.75
C LYS B 96 -2.22 31.54 -9.17
N PRO B 97 -1.21 30.91 -9.75
CA PRO B 97 -1.36 30.29 -11.06
C PRO B 97 -2.12 28.97 -10.99
N MET B 98 -2.86 28.68 -12.06
CA MET B 98 -3.63 27.46 -12.19
C MET B 98 -3.34 26.80 -13.53
N VAL B 99 -3.21 25.47 -13.52
CA VAL B 99 -2.88 24.69 -14.71
C VAL B 99 -4.11 23.95 -15.18
N ILE B 100 -4.39 24.02 -16.48
CA ILE B 100 -5.61 23.47 -17.07
C ILE B 100 -5.24 22.23 -17.88
N LEU B 101 -5.76 21.06 -17.48
CA LEU B 101 -5.59 19.82 -18.21
C LEU B 101 -6.94 19.25 -18.59
N PRO B 102 -7.02 18.47 -19.67
CA PRO B 102 -8.28 17.80 -20.00
C PRO B 102 -8.67 16.78 -18.94
N PHE B 103 -9.95 16.78 -18.59
CA PHE B 103 -10.46 15.82 -17.62
C PHE B 103 -10.49 14.41 -18.23
N MET B 104 -10.11 13.42 -17.42
CA MET B 104 -10.01 12.04 -17.87
C MET B 104 -10.78 11.18 -16.88
N LYS B 105 -11.93 10.65 -17.31
CA LYS B 105 -12.83 9.96 -16.40
C LYS B 105 -12.19 8.71 -15.80
N TYR B 106 -11.33 8.02 -16.55
CA TYR B 106 -10.71 6.80 -16.05
C TYR B 106 -9.62 7.07 -15.01
N GLY B 107 -9.23 8.32 -14.82
CA GLY B 107 -8.32 8.69 -13.75
C GLY B 107 -6.92 8.10 -13.90
N ASP B 108 -6.17 8.19 -12.80
CA ASP B 108 -4.79 7.76 -12.78
C ASP B 108 -4.69 6.23 -12.84
N LEU B 109 -3.56 5.76 -13.35
CA LEU B 109 -3.40 4.33 -13.63
C LEU B 109 -3.27 3.50 -12.36
N HIS B 110 -2.61 4.06 -11.33
CA HIS B 110 -2.42 3.31 -10.09
C HIS B 110 -3.76 2.91 -9.47
N THR B 111 -4.63 3.90 -9.24
CA THR B 111 -5.97 3.59 -8.73
C THR B 111 -6.74 2.68 -9.68
N TYR B 112 -6.42 2.72 -10.98
CA TYR B 112 -7.12 1.89 -11.94
C TYR B 112 -6.68 0.43 -11.83
N LEU B 113 -5.41 0.20 -11.54
CA LEU B 113 -4.89 -1.16 -11.43
C LEU B 113 -5.54 -1.88 -10.25
N LEU B 114 -5.59 -1.23 -9.09
CA LEU B 114 -6.26 -1.81 -7.92
C LEU B 114 -7.72 -2.11 -8.22
N TYR B 115 -8.43 -1.16 -8.86
CA TYR B 115 -9.83 -1.38 -9.21
C TYR B 115 -10.01 -2.64 -10.05
N SER B 116 -9.02 -2.98 -10.89
CA SER B 116 -9.13 -4.15 -11.74
C SER B 116 -9.18 -5.45 -10.94
N ARG B 117 -8.71 -5.43 -9.70
CA ARG B 117 -8.71 -6.61 -8.85
C ARG B 117 -9.99 -6.74 -8.02
N LEU B 118 -10.97 -5.89 -8.25
CA LEU B 118 -12.23 -5.94 -7.54
C LEU B 118 -13.39 -5.88 -8.52
N GLU B 119 -14.39 -6.73 -8.32
CA GLU B 119 -15.64 -6.63 -9.03
C GLU B 119 -16.38 -5.36 -8.61
N THR B 120 -17.23 -4.87 -9.51
CA THR B 120 -17.79 -3.51 -9.50
C THR B 120 -16.73 -2.50 -9.95
N GLY B 121 -15.69 -3.00 -10.60
CA GLY B 121 -14.60 -2.20 -11.09
C GLY B 121 -14.21 -2.66 -12.49
N PRO B 122 -13.37 -1.88 -13.16
CA PRO B 122 -12.89 -2.27 -14.49
C PRO B 122 -12.42 -3.72 -14.51
N LYS B 123 -12.83 -4.44 -15.55
CA LYS B 123 -12.64 -5.89 -15.61
C LYS B 123 -11.16 -6.26 -15.51
N HIS B 124 -10.93 -7.53 -15.20
CA HIS B 124 -9.58 -8.04 -15.02
C HIS B 124 -8.73 -7.75 -16.26
N ILE B 125 -7.69 -6.95 -16.08
CA ILE B 125 -6.79 -6.58 -17.18
C ILE B 125 -5.94 -7.79 -17.54
N PRO B 126 -6.01 -8.29 -18.76
CA PRO B 126 -5.10 -9.37 -19.16
C PRO B 126 -3.69 -8.83 -19.34
N LEU B 127 -2.74 -9.77 -19.44
CA LEU B 127 -1.34 -9.38 -19.59
C LEU B 127 -1.11 -8.56 -20.85
N GLN B 128 -1.77 -8.94 -21.94
CA GLN B 128 -1.59 -8.22 -23.21
C GLN B 128 -1.96 -6.74 -23.07
N THR B 129 -3.09 -6.46 -22.42
CA THR B 129 -3.44 -5.07 -22.13
C THR B 129 -2.43 -4.42 -21.20
N LEU B 130 -1.92 -5.19 -20.22
CA LEU B 130 -0.95 -4.65 -19.28
C LEU B 130 0.33 -4.21 -20.00
N LEU B 131 0.75 -4.97 -21.01
CA LEU B 131 1.91 -4.58 -21.80
C LEU B 131 1.64 -3.29 -22.57
N LYS B 132 0.39 -3.11 -23.04
CA LYS B 132 0.05 -1.87 -23.74
C LYS B 132 0.23 -0.66 -22.85
N PHE B 133 -0.19 -0.76 -21.58
CA PHE B 133 0.09 0.32 -20.62
C PHE B 133 1.57 0.60 -20.54
N MET B 134 2.41 -0.42 -20.68
CA MET B 134 3.86 -0.24 -20.62
C MET B 134 4.38 0.41 -21.90
N VAL B 135 4.05 -0.19 -23.05
CA VAL B 135 4.40 0.41 -24.34
C VAL B 135 4.00 1.87 -24.38
N ASP B 136 2.75 2.17 -23.98
CA ASP B 136 2.27 3.55 -23.94
C ASP B 136 3.25 4.47 -23.22
N ILE B 137 3.66 4.08 -22.01
CA ILE B 137 4.50 4.97 -21.20
C ILE B 137 5.89 5.12 -21.83
N ALA B 138 6.47 4.01 -22.30
CA ALA B 138 7.79 4.08 -22.94
C ALA B 138 7.76 5.00 -24.15
N LEU B 139 6.67 4.96 -24.92
CA LEU B 139 6.53 5.86 -26.07
C LEU B 139 6.59 7.31 -25.64
N GLY B 140 5.78 7.69 -24.64
CA GLY B 140 5.78 9.05 -24.16
C GLY B 140 7.14 9.50 -23.64
N MET B 141 7.84 8.62 -22.91
CA MET B 141 9.16 8.96 -22.40
C MET B 141 10.21 8.93 -23.48
N GLU B 142 10.03 8.09 -24.51
CA GLU B 142 10.88 8.19 -25.69
C GLU B 142 10.78 9.57 -26.32
N TYR B 143 9.55 10.09 -26.42
CA TYR B 143 9.34 11.44 -26.93
C TYR B 143 10.01 12.48 -26.04
N LEU B 144 9.81 12.37 -24.73
CA LEU B 144 10.29 13.40 -23.81
C LEU B 144 11.81 13.37 -23.69
N SER B 145 12.40 12.17 -23.71
CA SER B 145 13.85 12.08 -23.61
C SER B 145 14.54 12.48 -24.91
N ASN B 146 13.88 12.28 -26.05
CA ASN B 146 14.44 12.75 -27.31
C ASN B 146 14.46 14.27 -27.36
N ARG B 147 13.46 14.92 -26.76
CA ARG B 147 13.48 16.35 -26.51
C ARG B 147 14.35 16.71 -25.32
N ASN B 148 15.08 15.75 -24.75
CA ASN B 148 15.98 15.98 -23.63
C ASN B 148 15.24 16.56 -22.42
N PHE B 149 14.11 15.94 -22.08
CA PHE B 149 13.30 16.39 -20.95
C PHE B 149 13.41 15.37 -19.83
N LEU B 150 13.65 15.86 -18.61
CA LEU B 150 13.79 15.04 -17.42
C LEU B 150 12.49 15.12 -16.60
N HIS B 151 11.75 14.02 -16.55
CA HIS B 151 10.55 13.96 -15.73
C HIS B 151 10.87 14.18 -14.26
N ARG B 152 11.68 13.28 -13.69
CA ARG B 152 12.21 13.23 -12.32
C ARG B 152 11.19 12.74 -11.31
N ASP B 153 9.95 12.42 -11.71
CA ASP B 153 9.06 11.60 -10.88
C ASP B 153 8.18 10.79 -11.82
N LEU B 154 8.58 9.55 -12.09
CA LEU B 154 7.79 8.64 -12.91
C LEU B 154 7.25 7.52 -12.05
N ALA B 155 5.92 7.39 -12.02
CA ALA B 155 5.27 6.30 -11.30
C ALA B 155 3.90 6.08 -11.90
N ALA B 156 3.33 4.91 -11.59
CA ALA B 156 1.98 4.60 -12.07
C ALA B 156 0.95 5.61 -11.57
N ARG B 157 1.23 6.31 -10.48
CA ARG B 157 0.30 7.31 -9.97
C ARG B 157 0.33 8.58 -10.82
N ASN B 158 1.47 8.88 -11.44
CA ASN B 158 1.61 10.06 -12.29
C ASN B 158 1.20 9.81 -13.73
N CYS B 159 0.72 8.62 -14.05
CA CYS B 159 0.25 8.28 -15.39
C CYS B 159 -1.27 8.44 -15.45
N MET B 160 -1.77 8.80 -16.64
CA MET B 160 -3.19 9.11 -16.81
C MET B 160 -3.78 8.34 -17.98
N LEU B 161 -5.01 7.87 -17.78
CA LEU B 161 -5.73 7.01 -18.71
C LEU B 161 -6.70 7.84 -19.55
N ARG B 162 -6.57 7.75 -20.88
CA ARG B 162 -7.39 8.57 -21.75
C ARG B 162 -8.74 7.88 -22.01
N ASP B 163 -9.63 8.60 -22.71
CA ASP B 163 -10.97 8.08 -22.94
C ASP B 163 -10.94 6.77 -23.73
N ASP B 164 -10.16 6.73 -24.81
CA ASP B 164 -9.68 5.48 -25.36
C ASP B 164 -8.63 4.91 -24.42
N MET B 165 -8.71 3.60 -24.15
CA MET B 165 -7.80 3.09 -23.14
C MET B 165 -6.37 3.29 -23.62
N THR B 166 -5.66 4.17 -22.94
CA THR B 166 -4.37 4.69 -23.37
C THR B 166 -3.74 5.42 -22.19
N VAL B 167 -2.45 5.28 -22.01
CA VAL B 167 -1.74 5.92 -20.91
C VAL B 167 -0.91 7.07 -21.46
N CYS B 168 -0.94 8.19 -20.76
CA CYS B 168 -0.11 9.34 -21.08
C CYS B 168 0.63 9.80 -19.82
N VAL B 169 1.83 10.34 -20.03
CA VAL B 169 2.70 10.71 -18.93
C VAL B 169 2.32 12.08 -18.40
N ALA B 170 2.34 12.23 -17.07
CA ALA B 170 2.09 13.52 -16.44
C ALA B 170 2.85 13.58 -15.11
N ASP B 171 2.63 14.66 -14.38
CA ASP B 171 3.22 14.84 -13.05
C ASP B 171 2.26 15.67 -12.21
N PHE B 172 1.55 15.02 -11.29
CA PHE B 172 0.69 15.75 -10.36
C PHE B 172 1.45 16.83 -9.60
N GLY B 173 2.74 16.63 -9.38
CA GLY B 173 3.55 17.62 -8.69
C GLY B 173 3.21 17.79 -7.23
N PRO B 193 8.95 9.71 -2.28
CA PRO B 193 9.03 8.77 -3.39
C PRO B 193 10.40 8.09 -3.47
N VAL B 194 10.90 7.64 -2.32
CA VAL B 194 12.24 7.05 -2.26
C VAL B 194 12.31 5.79 -3.12
N LYS B 195 11.28 4.94 -3.04
CA LYS B 195 11.31 3.66 -3.73
C LYS B 195 11.42 3.80 -5.24
N TRP B 196 11.00 4.93 -5.81
CA TRP B 196 11.12 5.15 -7.24
C TRP B 196 12.41 5.87 -7.65
N ILE B 197 13.14 6.42 -6.69
CA ILE B 197 14.36 7.17 -6.99
C ILE B 197 15.52 6.20 -7.21
N ALA B 198 16.36 6.53 -8.18
CA ALA B 198 17.48 5.66 -8.53
C ALA B 198 18.59 5.76 -7.48
N ILE B 199 19.46 4.75 -7.48
CA ILE B 199 20.50 4.66 -6.46
C ILE B 199 21.51 5.79 -6.60
N GLU B 200 21.90 6.13 -7.83
CA GLU B 200 22.80 7.24 -8.05
C GLU B 200 22.19 8.56 -7.58
N SER B 201 20.87 8.72 -7.74
CA SER B 201 20.19 9.93 -7.31
C SER B 201 19.93 9.95 -5.81
N LEU B 202 19.94 8.80 -5.14
CA LEU B 202 19.84 8.80 -3.69
C LEU B 202 21.14 9.27 -3.03
N ALA B 203 22.24 8.55 -3.29
CA ALA B 203 23.52 8.87 -2.65
C ALA B 203 23.94 10.32 -2.92
N ASP B 204 24.13 10.66 -4.19
CA ASP B 204 24.33 12.02 -4.65
C ASP B 204 22.94 12.61 -4.91
N ARG B 205 22.90 13.78 -5.52
CA ARG B 205 21.65 14.26 -6.12
C ARG B 205 22.01 14.65 -7.55
N VAL B 206 21.93 13.65 -8.43
CA VAL B 206 22.06 13.83 -9.87
C VAL B 206 20.83 13.23 -10.52
N TYR B 207 20.28 13.93 -11.50
CA TYR B 207 19.15 13.42 -12.26
C TYR B 207 19.50 13.43 -13.75
N THR B 208 19.34 12.28 -14.40
CA THR B 208 19.59 12.14 -15.82
C THR B 208 18.48 11.28 -16.40
N SER B 209 18.45 11.15 -17.73
CA SER B 209 17.44 10.30 -18.34
C SER B 209 17.56 8.85 -17.90
N LYS B 210 18.73 8.45 -17.39
CA LYS B 210 18.88 7.10 -16.84
C LYS B 210 18.18 6.93 -15.51
N SER B 211 18.12 7.99 -14.70
CA SER B 211 17.34 7.95 -13.46
C SER B 211 15.87 7.75 -13.78
N ASP B 212 15.37 8.43 -14.82
CA ASP B 212 13.98 8.23 -15.25
C ASP B 212 13.77 6.81 -15.76
N VAL B 213 14.79 6.21 -16.38
CA VAL B 213 14.68 4.82 -16.82
C VAL B 213 14.53 3.90 -15.61
N TRP B 214 15.22 4.21 -14.51
CA TRP B 214 15.04 3.45 -13.28
C TRP B 214 13.60 3.57 -12.79
N ALA B 215 13.05 4.78 -12.80
CA ALA B 215 11.66 4.97 -12.38
C ALA B 215 10.70 4.23 -13.31
N PHE B 216 11.09 4.02 -14.56
CA PHE B 216 10.23 3.31 -15.51
C PHE B 216 10.10 1.84 -15.13
N GLY B 217 11.23 1.19 -14.83
CA GLY B 217 11.16 -0.21 -14.42
C GLY B 217 10.34 -0.44 -13.17
N VAL B 218 10.43 0.49 -12.21
CA VAL B 218 9.59 0.41 -11.02
C VAL B 218 8.11 0.56 -11.40
N THR B 219 7.81 1.53 -12.27
CA THR B 219 6.45 1.68 -12.76
C THR B 219 6.00 0.44 -13.52
N MET B 220 6.90 -0.15 -14.31
CA MET B 220 6.59 -1.43 -14.95
C MET B 220 6.26 -2.49 -13.92
N TRP B 221 7.01 -2.51 -12.81
CA TRP B 221 6.72 -3.48 -11.74
C TRP B 221 5.39 -3.17 -11.07
N GLU B 222 5.07 -1.89 -10.87
CA GLU B 222 3.76 -1.50 -10.40
C GLU B 222 2.65 -2.09 -11.27
N ILE B 223 2.79 -1.97 -12.59
CA ILE B 223 1.75 -2.42 -13.50
C ILE B 223 1.61 -3.94 -13.47
N ALA B 224 2.74 -4.65 -13.42
CA ALA B 224 2.69 -6.11 -13.43
C ALA B 224 2.07 -6.66 -12.15
N THR B 225 2.17 -5.93 -11.05
CA THR B 225 1.59 -6.34 -9.78
C THR B 225 0.20 -5.74 -9.55
N ARG B 226 -0.34 -5.02 -10.53
CA ARG B 226 -1.60 -4.29 -10.41
C ARG B 226 -1.67 -3.48 -9.13
N GLY B 227 -0.65 -2.66 -8.91
CA GLY B 227 -0.71 -1.62 -7.90
C GLY B 227 -0.04 -1.92 -6.58
N MET B 228 0.83 -2.93 -6.51
CA MET B 228 1.54 -3.19 -5.27
C MET B 228 2.54 -2.09 -4.98
N THR B 229 2.71 -1.78 -3.70
CA THR B 229 3.76 -0.86 -3.30
C THR B 229 5.13 -1.51 -3.53
N PRO B 230 6.09 -0.81 -4.13
CA PRO B 230 7.40 -1.42 -4.36
C PRO B 230 8.06 -1.89 -3.07
N TYR B 231 8.84 -2.95 -3.19
CA TYR B 231 9.70 -3.49 -2.13
C TYR B 231 8.91 -3.84 -0.87
N PRO B 232 7.91 -4.70 -0.95
CA PRO B 232 7.22 -5.15 0.28
C PRO B 232 8.22 -5.71 1.28
N GLY B 233 8.04 -5.31 2.54
CA GLY B 233 8.92 -5.74 3.62
C GLY B 233 10.05 -4.78 3.93
N VAL B 234 10.34 -3.83 3.06
CA VAL B 234 11.44 -2.88 3.24
C VAL B 234 10.84 -1.51 3.55
N GLN B 235 11.32 -0.89 4.63
CA GLN B 235 10.95 0.48 4.97
C GLN B 235 11.75 1.46 4.12
N ASN B 236 11.35 2.73 4.17
CA ASN B 236 11.94 3.74 3.30
C ASN B 236 13.37 4.10 3.70
N HIS B 237 13.67 4.07 5.00
CA HIS B 237 15.03 4.42 5.43
C HIS B 237 16.05 3.37 4.99
N GLU B 238 15.66 2.09 4.99
CA GLU B 238 16.56 1.04 4.53
C GLU B 238 16.83 1.08 3.03
N MET B 239 16.06 1.88 2.27
CA MET B 239 16.00 1.71 0.83
C MET B 239 17.37 1.87 0.18
N TYR B 240 18.11 2.92 0.54
CA TYR B 240 19.44 3.11 -0.04
C TYR B 240 20.36 1.95 0.28
N ASP B 241 20.43 1.56 1.55
CA ASP B 241 21.26 0.41 1.93
C ASP B 241 20.80 -0.87 1.23
N TYR B 242 19.48 -1.02 1.08
CA TYR B 242 18.93 -2.19 0.40
C TYR B 242 19.42 -2.27 -1.05
N LEU B 243 19.50 -1.12 -1.73
CA LEU B 243 19.96 -1.11 -3.12
C LEU B 243 21.46 -1.32 -3.22
N LEU B 244 22.24 -0.68 -2.34
CA LEU B 244 23.70 -0.79 -2.40
C LEU B 244 24.19 -2.22 -2.18
N HIS B 245 23.35 -3.09 -1.63
CA HIS B 245 23.71 -4.49 -1.43
C HIS B 245 23.31 -5.37 -2.61
N GLY B 246 22.88 -4.77 -3.72
CA GLY B 246 22.56 -5.53 -4.91
C GLY B 246 21.14 -6.03 -5.00
N HIS B 247 20.25 -5.61 -4.10
CA HIS B 247 18.89 -6.13 -4.08
C HIS B 247 17.97 -5.27 -4.95
N ARG B 248 17.09 -5.93 -5.69
CA ARG B 248 16.15 -5.28 -6.59
C ARG B 248 14.75 -5.83 -6.35
N LEU B 249 13.77 -5.22 -7.02
CA LEU B 249 12.39 -5.69 -6.92
C LEU B 249 12.30 -7.15 -7.38
N LYS B 250 11.38 -7.88 -6.76
CA LYS B 250 11.20 -9.30 -7.06
C LYS B 250 10.24 -9.50 -8.21
N GLN B 251 10.47 -10.57 -8.97
CA GLN B 251 9.62 -10.90 -10.10
C GLN B 251 8.19 -11.14 -9.65
N PRO B 252 7.19 -10.52 -10.29
CA PRO B 252 5.80 -10.74 -9.90
C PRO B 252 5.34 -12.17 -10.13
N GLU B 253 4.27 -12.56 -9.42
CA GLU B 253 3.82 -13.94 -9.38
C GLU B 253 3.61 -14.52 -10.78
N ASP B 254 2.97 -13.76 -11.66
CA ASP B 254 2.97 -14.11 -13.08
C ASP B 254 3.53 -12.91 -13.83
N CYS B 255 4.85 -12.89 -13.97
CA CYS B 255 5.58 -12.04 -14.89
C CYS B 255 6.37 -12.95 -15.82
N LEU B 256 6.29 -12.71 -17.12
CA LEU B 256 7.09 -13.53 -18.03
C LEU B 256 8.56 -13.24 -17.77
N ASP B 257 9.38 -14.30 -17.86
CA ASP B 257 10.83 -14.13 -17.70
C ASP B 257 11.37 -13.02 -18.59
N GLU B 258 10.90 -12.98 -19.85
CA GLU B 258 11.33 -11.92 -20.76
C GLU B 258 10.88 -10.56 -20.27
N LEU B 259 9.71 -10.48 -19.64
CA LEU B 259 9.23 -9.19 -19.13
C LEU B 259 9.99 -8.77 -17.88
N TYR B 260 10.40 -9.72 -17.04
CA TYR B 260 11.22 -9.37 -15.89
C TYR B 260 12.63 -8.97 -16.32
N GLU B 261 13.13 -9.55 -17.42
CA GLU B 261 14.46 -9.20 -17.90
C GLU B 261 14.50 -7.76 -18.40
N ILE B 262 13.43 -7.33 -19.07
CA ILE B 262 13.39 -5.97 -19.59
C ILE B 262 13.39 -4.95 -18.47
N MET B 263 12.53 -5.15 -17.46
CA MET B 263 12.47 -4.19 -16.36
C MET B 263 13.70 -4.29 -15.46
N TYR B 264 14.29 -5.48 -15.32
CA TYR B 264 15.52 -5.61 -14.55
C TYR B 264 16.66 -4.80 -15.15
N SER B 265 16.69 -4.69 -16.49
CA SER B 265 17.70 -3.86 -17.14
C SER B 265 17.65 -2.42 -16.67
N CYS B 266 16.46 -1.93 -16.30
CA CYS B 266 16.34 -0.55 -15.84
C CYS B 266 17.04 -0.31 -14.51
N TRP B 267 17.36 -1.35 -13.76
CA TRP B 267 17.90 -1.20 -12.41
C TRP B 267 19.38 -1.57 -12.32
N ARG B 268 20.11 -1.55 -13.43
CA ARG B 268 21.54 -1.80 -13.36
C ARG B 268 22.21 -0.71 -12.54
N THR B 269 23.27 -1.07 -11.82
CA THR B 269 23.88 -0.14 -10.88
C THR B 269 24.58 1.02 -11.60
N ASP B 270 25.04 0.79 -12.83
CA ASP B 270 25.68 1.85 -13.59
C ASP B 270 24.64 2.44 -14.53
N PRO B 271 24.36 3.75 -14.45
CA PRO B 271 23.40 4.35 -15.39
C PRO B 271 23.75 4.08 -16.84
N LEU B 272 25.03 4.03 -17.18
CA LEU B 272 25.43 3.91 -18.57
C LEU B 272 25.17 2.51 -19.13
N ASP B 273 24.77 1.56 -18.29
CA ASP B 273 24.44 0.21 -18.71
C ASP B 273 22.93 -0.03 -18.82
N ARG B 274 22.10 0.94 -18.44
CA ARG B 274 20.68 0.79 -18.62
C ARG B 274 20.28 1.13 -20.06
N PRO B 275 19.22 0.52 -20.57
CA PRO B 275 18.74 0.88 -21.91
C PRO B 275 18.14 2.28 -21.94
N THR B 276 17.99 2.80 -23.17
CA THR B 276 17.26 4.04 -23.38
C THR B 276 15.79 3.73 -23.64
N PHE B 277 14.96 4.77 -23.50
CA PHE B 277 13.52 4.58 -23.71
C PHE B 277 13.20 4.11 -25.11
N SER B 278 14.00 4.51 -26.11
CA SER B 278 13.75 4.05 -27.47
C SER B 278 14.05 2.56 -27.61
N VAL B 279 15.16 2.10 -27.03
CA VAL B 279 15.44 0.66 -26.98
C VAL B 279 14.34 -0.07 -26.21
N LEU B 280 14.02 0.45 -25.01
CA LEU B 280 12.98 -0.17 -24.18
C LEU B 280 11.67 -0.30 -24.94
N ARG B 281 11.26 0.76 -25.64
CA ARG B 281 10.00 0.74 -26.38
C ARG B 281 9.93 -0.44 -27.35
N LEU B 282 11.01 -0.68 -28.09
CA LEU B 282 10.99 -1.73 -29.12
C LEU B 282 10.99 -3.12 -28.50
N GLN B 283 11.60 -3.29 -27.32
CA GLN B 283 11.60 -4.59 -26.68
C GLN B 283 10.22 -4.96 -26.16
N LEU B 284 9.48 -3.97 -25.65
CA LEU B 284 8.13 -4.24 -25.16
C LEU B 284 7.14 -4.43 -26.32
N GLU B 285 7.30 -3.65 -27.39
CA GLU B 285 6.45 -3.84 -28.57
C GLU B 285 6.65 -5.21 -29.18
N LYS B 286 7.90 -5.68 -29.26
CA LYS B 286 8.16 -7.00 -29.83
C LYS B 286 7.63 -8.10 -28.92
N LEU B 287 7.81 -7.96 -27.60
CA LEU B 287 7.27 -8.93 -26.66
C LEU B 287 5.75 -8.97 -26.73
N LEU B 288 5.12 -7.80 -26.78
CA LEU B 288 3.66 -7.76 -26.78
C LEU B 288 3.06 -8.41 -28.02
N GLU B 289 3.67 -8.17 -29.19
CA GLU B 289 3.15 -8.76 -30.42
C GLU B 289 3.47 -10.24 -30.54
N SER B 290 4.39 -10.75 -29.73
CA SER B 290 4.66 -12.19 -29.69
C SER B 290 3.58 -12.97 -28.95
N LEU B 291 2.70 -12.28 -28.22
CA LEU B 291 1.71 -12.90 -27.36
C LEU B 291 0.41 -13.14 -28.12
N PRO B 292 -0.42 -14.08 -27.67
CA PRO B 292 -1.71 -14.30 -28.33
C PRO B 292 -2.63 -13.11 -28.21
N ASP B 293 -3.55 -13.00 -29.16
CA ASP B 293 -4.55 -11.93 -29.15
C ASP B 293 -5.73 -12.32 -28.27
C10 A1L6L C . 1.57 -6.95 23.94
C11 A1L6L C . 1.55 -7.64 22.73
C12 A1L6L C . 0.38 -8.28 22.33
C13 A1L6L C . 2.80 -7.70 21.82
C15 A1L6L C . 3.68 -8.45 19.48
O17 A1L6L C . 3.82 -7.29 22.22
C19 A1L6L C . 4.97 -7.97 19.65
C21 A1L6L C . 5.57 -8.80 17.47
C22 A1L6L C . 4.28 -9.27 17.29
C23 A1L6L C . 3.34 -9.09 18.30
C25 A1L6L C . 6.99 -10.30 16.34
C26 A1L6L C . 7.81 -10.64 15.24
C27 A1L6L C . 8.26 -11.95 15.16
C31 A1L6L C . 8.37 -9.99 14.05
C35 A1L6L C . 8.70 -7.50 14.42
C36 A1L6L C . 8.51 -6.17 14.05
C37 A1L6L C . 7.80 -5.87 12.91
C38 A1L6L C . 7.27 -6.89 12.13
C39 A1L6L C . 7.45 -8.21 12.51
C40 A1L6L C . 9.89 -10.84 12.08
C42 A1L6L C . 10.34 -9.65 11.47
C01 A1L6L C . -1.93 -8.90 22.69
C02 A1L6L C . -3.06 -8.15 22.42
C03 A1L6L C . -4.23 -8.77 22.02
C04 A1L6L C . -4.27 -10.14 21.88
C05 A1L6L C . -3.14 -10.90 22.14
C06 A1L6L C . -1.97 -10.27 22.55
C08 A1L6L C . -0.70 -7.58 24.26
C09 A1L6L C . 0.42 -6.92 24.71
C20 A1L6L C . 5.92 -8.15 18.65
C29 A1L6L C . 7.13 -12.47 17.14
C32 A1L6L C . 9.10 -10.99 13.38
C34 A1L6L C . 8.17 -8.53 13.65
C45 A1L6L C . 10.32 -11.89 11.24
C46 A1L6L C . 11.57 -12.07 9.13
F18 A1L6L C . -5.43 -10.76 21.48
N07 A1L6L C . -0.70 -8.24 23.10
N14 A1L6L C . 2.63 -8.29 20.50
N28 A1L6L C . 7.90 -12.83 16.13
N30 A1L6L C . 6.69 -11.22 17.25
N41 A1L6L C . 6.51 -6.58 10.93
N43 A1L6L C . 10.97 -10.01 10.37
N44 A1L6L C . 10.96 -11.34 10.23
O16 A1L6L C . 0.36 -8.86 21.30
O24 A1L6L C . 6.52 -8.97 16.45
O33 A1L6L C . 9.00 -12.10 14.06
C10 A1L6L D . 1.69 20.59 -14.67
C11 A1L6L D . 1.16 19.30 -14.75
C12 A1L6L D . 1.87 18.32 -15.45
C13 A1L6L D . -0.18 18.94 -14.11
C15 A1L6L D . -1.83 16.97 -13.64
O17 A1L6L D . -0.84 19.78 -13.59
C19 A1L6L D . -2.76 17.71 -12.92
C21 A1L6L D . -4.19 15.79 -12.76
C22 A1L6L D . -3.28 15.05 -13.48
C23 A1L6L D . -2.10 15.63 -13.93
C25 A1L6L D . -6.27 14.95 -13.36
C26 A1L6L D . -7.40 14.13 -13.13
C27 A1L6L D . -8.27 13.90 -14.19
C31 A1L6L D . -7.97 13.38 -12.01
C35 A1L6L D . -7.44 14.37 -9.75
C36 A1L6L D . -6.91 14.28 -8.47
C37 A1L6L D . -6.34 13.09 -8.04
C38 A1L6L D . -6.29 12.00 -8.90
C39 A1L6L D . -6.82 12.09 -10.17
C40 A1L6L D . -10.09 11.88 -11.74
C42 A1L6L D . -10.39 11.93 -10.36
C01 A1L6L D . 3.74 17.56 -16.75
C02 A1L6L D . 4.91 17.04 -16.22
C03 A1L6L D . 5.59 16.03 -16.90
C04 A1L6L D . 5.08 15.56 -18.11
C05 A1L6L D . 3.91 16.08 -18.63
C06 A1L6L D . 3.24 17.08 -17.95
C08 A1L6L D . 3.55 19.83 -15.96
C09 A1L6L D . 2.90 20.85 -15.29
C20 A1L6L D . -3.94 17.12 -12.48
C29 A1L6L D . -6.94 15.24 -15.57
C32 A1L6L D . -9.14 12.77 -12.52
C34 A1L6L D . -7.40 13.27 -10.60
C45 A1L6L D . -10.87 10.81 -12.26
C46 A1L6L D . -12.47 9.19 -11.34
F18 A1L6L D . 5.76 14.58 -18.77
N07 A1L6L D . 3.03 18.61 -16.03
N14 A1L6L D . -0.59 17.53 -14.16
N28 A1L6L D . -8.01 14.47 -15.39
N30 A1L6L D . -6.09 15.49 -14.57
N41 A1L6L D . -5.69 10.76 -8.46
N43 A1L6L D . -11.25 10.98 -10.13
N44 A1L6L D . -11.54 10.31 -11.25
O16 A1L6L D . 1.42 17.23 -15.52
O24 A1L6L D . -5.38 15.19 -12.30
O33 A1L6L D . -9.27 13.10 -13.78
#